data_2R31
#
_entry.id   2R31
#
_cell.length_a   43.553
_cell.length_b   55.749
_cell.length_c   96.616
_cell.angle_alpha   90.00
_cell.angle_beta   90.00
_cell.angle_gamma   90.00
#
_symmetry.space_group_name_H-M   'P 21 21 21'
#
loop_
_entity.id
_entity.type
_entity.pdbx_description
1 polymer 'ATP12 ATPase'
2 non-polymer 2-AMINO-2-HYDROXYMETHYL-PROPANE-1,3-DIOL
3 water water
#
_entity_poly.entity_id   1
_entity_poly.type   'polypeptide(L)'
_entity_poly.pdbx_seq_one_letter_code
;GSHMSEWKARRFWASVGIHKEEGGWAVLLDERPLRTPGKQPLRLPTEALALAIAEEWQAVQEVIDPNAMPLTRSANSAIE
KVAPQFDAVAAMLGDYGGTDLLSYRADAPEALVRAQAEGWDPLIDWAATELRAPLRITHGVIPVPQDPVVLLKLRAEVAS
LDPFGLTALHDLVTLPGSLILGLAVIRGRIDAPTAHALSRIDEEFQAERWGRDEEAEAQAASRLAAMRDSERFWHLTRG
;
_entity_poly.pdbx_strand_id   A
#
loop_
_chem_comp.id
_chem_comp.type
_chem_comp.name
_chem_comp.formula
TRS non-polymer 2-AMINO-2-HYDROXYMETHYL-PROPANE-1,3-DIOL 'C4 H12 N O3 1'
#
# COMPACT_ATOMS: atom_id res chain seq x y z
N HIS A 3 27.62 9.12 -19.12
CA HIS A 3 27.21 10.26 -19.96
C HIS A 3 26.00 9.94 -20.83
N MET A 4 25.89 8.61 -21.00
CA MET A 4 24.85 8.04 -21.84
CA MET A 4 24.76 8.18 -21.83
C MET A 4 23.71 7.40 -21.06
N SER A 5 23.74 7.54 -19.73
CA SER A 5 22.72 6.89 -18.90
CA SER A 5 22.72 6.97 -18.85
C SER A 5 21.32 7.36 -19.30
N GLU A 6 21.10 8.65 -19.53
CA GLU A 6 19.77 9.12 -19.96
C GLU A 6 19.44 8.65 -21.35
N TRP A 7 20.41 8.53 -22.24
CA TRP A 7 20.22 8.01 -23.58
C TRP A 7 19.68 6.59 -23.50
N LYS A 8 20.20 5.80 -22.59
CA LYS A 8 19.73 4.43 -22.46
C LYS A 8 18.30 4.34 -21.97
N ALA A 9 17.90 5.32 -21.19
CA ALA A 9 16.58 5.50 -20.61
C ALA A 9 15.69 6.30 -21.53
N ARG A 10 16.04 6.57 -22.78
CA ARG A 10 15.17 7.35 -23.65
C ARG A 10 13.98 6.54 -24.09
N ARG A 11 13.04 7.23 -24.69
CA ARG A 11 11.92 6.59 -25.37
C ARG A 11 12.41 6.18 -26.76
N PHE A 12 12.85 4.94 -26.83
CA PHE A 12 13.38 4.40 -28.08
C PHE A 12 12.31 3.68 -28.86
N TRP A 13 11.04 3.65 -28.39
CA TRP A 13 9.95 2.96 -29.05
C TRP A 13 8.96 3.99 -29.55
N ALA A 14 8.27 3.61 -30.62
CA ALA A 14 7.22 4.44 -31.18
C ALA A 14 5.86 4.10 -30.60
N SER A 15 5.51 2.82 -30.64
CA SER A 15 4.18 2.35 -30.35
CA SER A 15 4.14 2.48 -30.24
C SER A 15 4.12 1.55 -29.05
N VAL A 16 2.95 1.54 -28.42
CA VAL A 16 2.67 0.78 -27.21
C VAL A 16 1.32 0.07 -27.42
N GLY A 17 1.22 -1.17 -27.00
CA GLY A 17 -0.06 -1.89 -27.02
C GLY A 17 -0.03 -3.01 -25.96
N ILE A 18 -1.05 -3.86 -25.99
CA ILE A 18 -1.12 -4.96 -25.06
C ILE A 18 -1.53 -6.24 -25.80
N HIS A 19 -1.29 -7.39 -25.21
CA HIS A 19 -1.66 -8.67 -25.80
C HIS A 19 -1.71 -9.73 -24.72
N LYS A 20 -2.73 -10.60 -24.75
CA LYS A 20 -2.86 -11.65 -23.73
CA LYS A 20 -2.81 -11.63 -23.72
C LYS A 20 -2.07 -12.90 -24.12
N GLU A 21 -1.12 -13.29 -23.29
CA GLU A 21 -0.32 -14.51 -23.38
C GLU A 21 -0.86 -15.50 -22.38
N GLU A 22 -0.38 -16.75 -22.44
CA GLU A 22 -0.85 -17.80 -21.50
CA GLU A 22 -0.85 -17.79 -21.52
C GLU A 22 -0.61 -17.40 -20.08
N GLY A 23 0.54 -16.74 -19.77
CA GLY A 23 0.83 -16.34 -18.42
C GLY A 23 0.23 -15.08 -17.93
N GLY A 24 -0.49 -14.38 -18.78
CA GLY A 24 -1.11 -13.10 -18.45
C GLY A 24 -0.94 -12.11 -19.58
N TRP A 25 -1.40 -10.88 -19.34
CA TRP A 25 -1.29 -9.81 -20.32
C TRP A 25 0.15 -9.30 -20.37
N ALA A 26 0.61 -9.06 -21.58
CA ALA A 26 1.89 -8.41 -21.86
C ALA A 26 1.62 -6.98 -22.33
N VAL A 27 2.61 -6.12 -22.06
CA VAL A 27 2.64 -4.76 -22.58
C VAL A 27 3.73 -4.68 -23.62
N LEU A 28 3.39 -4.26 -24.83
CA LEU A 28 4.27 -4.30 -25.98
C LEU A 28 4.78 -2.92 -26.32
N LEU A 29 6.09 -2.82 -26.43
CA LEU A 29 6.80 -1.61 -26.90
C LEU A 29 7.28 -1.94 -28.30
N ASP A 30 6.72 -1.28 -29.33
N ASP A 30 6.87 -1.31 -29.40
CA ASP A 30 7.01 -1.65 -30.70
CA ASP A 30 7.32 -1.74 -30.73
C ASP A 30 7.00 -3.18 -30.86
C ASP A 30 7.04 -3.25 -30.89
N GLU A 31 5.91 -3.77 -30.40
CA GLU A 31 5.55 -5.17 -30.62
C GLU A 31 6.38 -6.14 -29.80
N ARG A 32 7.17 -5.68 -28.87
CA ARG A 32 7.99 -6.51 -28.01
C ARG A 32 7.55 -6.45 -26.58
N PRO A 33 7.26 -7.58 -25.90
CA PRO A 33 6.86 -7.51 -24.51
C PRO A 33 7.89 -6.89 -23.60
N LEU A 34 7.43 -5.97 -22.79
CA LEU A 34 8.17 -5.36 -21.67
C LEU A 34 8.60 -6.45 -20.71
N ARG A 35 9.81 -6.33 -20.18
CA ARG A 35 10.31 -7.19 -19.11
C ARG A 35 10.52 -6.38 -17.86
N THR A 36 10.68 -7.10 -16.73
CA THR A 36 11.05 -6.41 -15.51
C THR A 36 12.51 -5.98 -15.57
N PRO A 37 12.96 -5.15 -14.64
CA PRO A 37 14.38 -4.72 -14.65
C PRO A 37 15.36 -5.88 -14.55
N GLY A 38 15.00 -6.96 -13.88
CA GLY A 38 15.76 -8.20 -13.80
C GLY A 38 15.53 -9.11 -14.99
N LYS A 39 14.83 -8.62 -16.01
CA LYS A 39 14.65 -9.34 -17.27
C LYS A 39 13.67 -10.50 -17.18
N GLN A 40 12.80 -10.52 -16.17
CA GLN A 40 11.75 -11.51 -16.03
C GLN A 40 10.57 -11.08 -16.91
N PRO A 41 9.84 -12.04 -17.47
CA PRO A 41 8.66 -11.64 -18.25
C PRO A 41 7.70 -10.83 -17.39
N LEU A 42 7.22 -9.70 -17.87
N LEU A 42 7.23 -9.75 -17.98
CA LEU A 42 6.20 -8.91 -17.25
CA LEU A 42 6.22 -9.01 -17.27
C LEU A 42 4.88 -9.46 -17.78
C LEU A 42 4.89 -9.53 -17.81
N ARG A 43 4.13 -10.16 -16.93
CA ARG A 43 2.82 -10.72 -17.26
C ARG A 43 1.85 -10.26 -16.17
N LEU A 44 0.70 -9.74 -16.59
CA LEU A 44 -0.23 -9.06 -15.68
C LEU A 44 -1.57 -9.79 -15.60
N PRO A 45 -2.24 -9.72 -14.46
CA PRO A 45 -3.45 -10.55 -14.27
C PRO A 45 -4.68 -10.04 -14.96
N THR A 46 -4.75 -8.76 -15.31
N THR A 46 -4.71 -8.77 -15.34
CA THR A 46 -5.97 -8.16 -15.85
CA THR A 46 -5.96 -8.21 -15.85
C THR A 46 -5.66 -7.27 -17.03
C THR A 46 -5.72 -7.23 -16.98
N GLU A 47 -6.67 -7.14 -17.90
CA GLU A 47 -6.64 -6.19 -19.00
C GLU A 47 -6.55 -4.78 -18.43
N ALA A 48 -7.28 -4.47 -17.37
CA ALA A 48 -7.31 -3.10 -16.85
C ALA A 48 -5.93 -2.68 -16.40
N LEU A 49 -5.18 -3.56 -15.70
CA LEU A 49 -3.84 -3.19 -15.32
C LEU A 49 -2.93 -3.06 -16.54
N ALA A 50 -3.05 -3.97 -17.50
CA ALA A 50 -2.23 -3.86 -18.72
C ALA A 50 -2.48 -2.56 -19.45
N LEU A 51 -3.74 -2.14 -19.61
CA LEU A 51 -4.05 -0.87 -20.27
C LEU A 51 -3.43 0.29 -19.51
N ALA A 52 -3.51 0.27 -18.19
CA ALA A 52 -3.00 1.37 -17.38
C ALA A 52 -1.48 1.43 -17.40
N ILE A 53 -0.80 0.29 -17.42
CA ILE A 53 0.65 0.25 -17.57
C ILE A 53 1.02 0.71 -18.98
N ALA A 54 0.31 0.27 -20.02
CA ALA A 54 0.56 0.75 -21.36
C ALA A 54 0.47 2.27 -21.40
N GLU A 55 -0.52 2.87 -20.71
CA GLU A 55 -0.58 4.33 -20.69
CA GLU A 55 -0.59 4.33 -20.66
C GLU A 55 0.66 4.96 -20.07
N GLU A 56 1.26 4.35 -19.04
CA GLU A 56 2.50 4.87 -18.47
C GLU A 56 3.61 4.89 -19.52
N TRP A 57 3.76 3.82 -20.27
CA TRP A 57 4.83 3.73 -21.28
C TRP A 57 4.54 4.61 -22.51
N GLN A 58 3.26 4.82 -22.84
CA GLN A 58 2.88 5.75 -23.91
C GLN A 58 3.16 7.17 -23.51
N ALA A 59 3.09 7.49 -22.22
CA ALA A 59 3.27 8.84 -21.73
C ALA A 59 4.74 9.27 -21.60
N VAL A 60 5.70 8.37 -21.75
CA VAL A 60 7.10 8.71 -21.64
C VAL A 60 7.44 9.72 -22.72
N GLN A 61 8.07 10.80 -22.30
CA GLN A 61 8.47 11.85 -23.26
C GLN A 61 9.88 11.57 -23.67
N GLU A 62 10.89 12.18 -23.21
CA GLU A 62 12.26 12.03 -23.66
C GLU A 62 12.96 10.99 -22.83
N VAL A 63 12.64 10.86 -21.58
CA VAL A 63 13.33 9.92 -20.70
C VAL A 63 12.33 9.30 -19.72
N ILE A 64 12.55 8.02 -19.39
CA ILE A 64 11.73 7.29 -18.46
C ILE A 64 11.85 7.91 -17.09
N ASP A 65 10.71 8.24 -16.48
N ASP A 65 10.77 8.13 -16.37
CA ASP A 65 10.45 8.81 -15.20
CA ASP A 65 11.12 8.42 -14.98
C ASP A 65 9.64 7.90 -14.26
C ASP A 65 10.45 7.35 -14.15
N PRO A 66 10.33 7.21 -13.36
N PRO A 66 11.17 6.44 -13.53
CA PRO A 66 9.69 6.16 -12.57
CA PRO A 66 10.46 5.43 -12.72
C PRO A 66 8.56 6.67 -11.69
C PRO A 66 9.49 6.05 -11.71
N ASN A 67 8.56 7.93 -11.20
N ASN A 67 9.74 7.30 -11.27
CA ASN A 67 7.45 8.42 -10.38
CA ASN A 67 8.89 7.93 -10.26
C ASN A 67 6.17 8.56 -11.18
C ASN A 67 7.54 8.34 -10.85
N ALA A 68 6.34 8.68 -12.49
N ALA A 68 7.51 8.38 -12.16
CA ALA A 68 5.22 8.73 -13.44
CA ALA A 68 6.29 8.72 -12.86
C ALA A 68 4.72 7.34 -13.81
C ALA A 68 5.48 7.47 -13.17
N MET A 69 5.41 6.28 -13.32
N MET A 69 6.01 6.28 -12.82
CA MET A 69 5.13 4.90 -13.66
CA MET A 69 5.46 5.02 -13.27
C MET A 69 4.94 4.07 -12.37
C MET A 69 5.18 4.03 -12.18
N PRO A 70 4.00 4.48 -11.53
N PRO A 70 4.32 4.40 -11.23
CA PRO A 70 3.81 3.75 -10.27
CA PRO A 70 4.00 3.56 -10.09
C PRO A 70 3.29 2.33 -10.44
C PRO A 70 3.35 2.23 -10.46
N LEU A 71 2.50 2.10 -11.47
CA LEU A 71 1.92 0.78 -11.70
C LEU A 71 2.97 -0.19 -12.21
N THR A 72 3.85 0.30 -13.10
CA THR A 72 4.99 -0.52 -13.51
C THR A 72 5.84 -0.90 -12.32
N ARG A 73 6.11 0.06 -11.41
N ARG A 73 6.13 0.03 -11.38
CA ARG A 73 6.89 -0.19 -10.24
CA ARG A 73 6.93 -0.32 -10.23
C ARG A 73 6.23 -1.28 -9.37
C ARG A 73 6.23 -1.40 -9.43
N SER A 74 4.93 -1.21 -9.17
CA SER A 74 4.22 -2.23 -8.39
C SER A 74 4.22 -3.58 -9.07
N ALA A 75 4.03 -3.61 -10.39
CA ALA A 75 4.05 -4.89 -11.10
C ALA A 75 5.43 -5.52 -11.07
N ASN A 76 6.49 -4.72 -11.21
CA ASN A 76 7.85 -5.26 -11.11
C ASN A 76 8.03 -5.91 -9.75
N SER A 77 7.56 -5.28 -8.67
N SER A 77 7.51 -5.23 -8.72
CA SER A 77 7.67 -5.87 -7.32
CA SER A 77 7.57 -5.72 -7.35
C SER A 77 6.84 -7.12 -7.18
C SER A 77 6.85 -7.05 -7.21
N ALA A 78 5.63 -7.11 -7.74
CA ALA A 78 4.81 -8.31 -7.69
C ALA A 78 5.55 -9.49 -8.30
N ILE A 79 6.14 -9.30 -9.47
N ILE A 79 6.17 -9.25 -9.45
CA ILE A 79 6.77 -10.38 -10.22
CA ILE A 79 6.79 -10.29 -10.25
C ILE A 79 8.10 -10.75 -9.60
C ILE A 79 8.14 -10.73 -9.71
N GLU A 80 8.95 -9.81 -9.24
CA GLU A 80 10.30 -10.08 -8.81
C GLU A 80 10.40 -10.44 -7.33
N LYS A 81 9.54 -9.89 -6.49
CA LYS A 81 9.63 -9.97 -5.04
C LYS A 81 8.48 -10.70 -4.39
N VAL A 82 7.25 -10.30 -4.65
CA VAL A 82 6.14 -10.82 -3.85
C VAL A 82 5.67 -12.18 -4.32
N ALA A 83 5.41 -12.38 -5.60
CA ALA A 83 4.98 -13.68 -6.05
C ALA A 83 6.01 -14.78 -5.73
N PRO A 84 7.31 -14.64 -5.94
CA PRO A 84 8.24 -15.71 -5.60
C PRO A 84 8.41 -15.92 -4.11
N GLN A 85 8.10 -14.94 -3.29
CA GLN A 85 8.21 -15.00 -1.84
C GLN A 85 6.81 -14.94 -1.20
N PHE A 86 5.77 -15.44 -1.88
CA PHE A 86 4.40 -15.17 -1.46
C PHE A 86 4.16 -15.66 -0.04
N ASP A 87 4.59 -16.86 0.28
CA ASP A 87 4.27 -17.44 1.57
C ASP A 87 4.89 -16.63 2.68
N ALA A 88 6.14 -16.22 2.54
CA ALA A 88 6.80 -15.40 3.51
C ALA A 88 6.16 -14.02 3.68
N VAL A 89 5.86 -13.37 2.53
CA VAL A 89 5.27 -12.04 2.58
C VAL A 89 3.89 -12.10 3.22
N ALA A 90 3.11 -13.12 2.86
CA ALA A 90 1.78 -13.25 3.46
C ALA A 90 1.86 -13.42 4.97
N ALA A 91 2.81 -14.23 5.45
CA ALA A 91 2.94 -14.44 6.90
C ALA A 91 3.36 -13.15 7.57
N MET A 92 4.29 -12.42 6.96
CA MET A 92 4.78 -11.17 7.52
C MET A 92 3.67 -10.13 7.65
N LEU A 93 2.86 -10.00 6.59
CA LEU A 93 1.77 -9.01 6.64
C LEU A 93 0.72 -9.48 7.64
N GLY A 94 0.39 -10.77 7.65
CA GLY A 94 -0.59 -11.28 8.58
C GLY A 94 -0.14 -11.06 10.02
N ASP A 95 1.15 -11.12 10.30
CA ASP A 95 1.68 -10.92 11.62
C ASP A 95 1.48 -9.51 12.16
N TYR A 96 1.17 -8.53 11.29
CA TYR A 96 0.82 -7.21 11.82
C TYR A 96 -0.47 -7.26 12.65
N GLY A 97 -1.28 -8.32 12.53
CA GLY A 97 -2.39 -8.46 13.46
C GLY A 97 -2.03 -8.47 14.91
N GLY A 98 -0.82 -8.91 15.20
CA GLY A 98 -0.30 -8.96 16.58
C GLY A 98 0.46 -7.69 16.99
N THR A 99 0.67 -6.76 16.08
CA THR A 99 1.40 -5.53 16.26
C THR A 99 0.66 -4.40 15.57
N ASP A 100 -0.66 -4.31 15.79
CA ASP A 100 -1.45 -3.41 15.00
C ASP A 100 -1.52 -2.03 15.65
N LEU A 101 -1.31 -0.97 14.86
CA LEU A 101 -1.49 0.40 15.35
C LEU A 101 -2.77 0.55 16.17
N LEU A 102 -3.86 -0.06 15.70
CA LEU A 102 -5.18 0.19 16.29
CA LEU A 102 -5.17 0.20 16.30
C LEU A 102 -5.31 -0.45 17.67
N SER A 103 -4.43 -1.39 18.02
CA SER A 103 -4.45 -2.05 19.33
C SER A 103 -3.68 -1.29 20.38
N TYR A 104 -2.74 -0.44 20.03
CA TYR A 104 -1.77 0.14 20.98
C TYR A 104 -2.15 1.58 21.27
N ARG A 105 -3.05 1.78 22.21
CA ARG A 105 -3.62 3.11 22.54
C ARG A 105 -2.68 3.85 23.46
N ALA A 106 -2.76 5.17 23.46
CA ALA A 106 -2.18 5.95 24.54
C ALA A 106 -2.82 5.62 25.89
N ASP A 107 -2.11 5.93 26.91
CA ASP A 107 -2.80 5.95 28.20
C ASP A 107 -3.01 7.38 28.71
N ALA A 108 -2.59 8.39 27.96
CA ALA A 108 -2.74 9.78 28.32
C ALA A 108 -2.30 10.63 27.17
N PRO A 109 -2.73 11.89 27.13
CA PRO A 109 -3.81 12.47 27.97
C PRO A 109 -5.18 11.89 27.60
N GLU A 110 -6.17 12.18 28.42
CA GLU A 110 -7.53 11.65 28.27
C GLU A 110 -8.09 12.00 26.91
N ALA A 111 -7.86 13.23 26.43
CA ALA A 111 -8.43 13.63 25.20
C ALA A 111 -7.87 12.78 24.02
N LEU A 112 -6.61 12.37 24.10
CA LEU A 112 -6.05 11.51 23.07
C LEU A 112 -6.63 10.10 23.11
N VAL A 113 -6.80 9.56 24.33
CA VAL A 113 -7.48 8.27 24.49
C VAL A 113 -8.82 8.27 23.81
N ARG A 114 -9.59 9.35 24.00
CA ARG A 114 -10.91 9.47 23.39
C ARG A 114 -10.83 9.63 21.87
N ALA A 115 -9.88 10.41 21.36
CA ALA A 115 -9.71 10.60 19.92
C ALA A 115 -9.40 9.29 19.22
N GLN A 116 -8.50 8.50 19.82
CA GLN A 116 -8.13 7.20 19.28
C GLN A 116 -9.35 6.29 19.26
N ALA A 117 -10.14 6.25 20.33
CA ALA A 117 -11.30 5.38 20.38
C ALA A 117 -12.31 5.77 19.33
N GLU A 118 -12.55 7.10 19.18
CA GLU A 118 -13.59 7.48 18.20
CA GLU A 118 -13.54 7.54 18.19
C GLU A 118 -13.20 7.09 16.79
N GLY A 119 -11.92 7.21 16.47
CA GLY A 119 -11.51 6.85 15.11
C GLY A 119 -11.34 5.36 14.88
N TRP A 120 -10.78 4.67 15.88
CA TRP A 120 -10.31 3.31 15.70
C TRP A 120 -11.27 2.23 16.17
N ASP A 121 -12.10 2.50 17.17
CA ASP A 121 -13.05 1.48 17.63
C ASP A 121 -13.97 1.02 16.49
N PRO A 122 -14.45 1.87 15.58
CA PRO A 122 -15.27 1.33 14.49
C PRO A 122 -14.54 0.35 13.61
N LEU A 123 -13.24 0.52 13.42
CA LEU A 123 -12.45 -0.37 12.61
C LEU A 123 -12.16 -1.69 13.30
N ILE A 124 -11.90 -1.64 14.61
CA ILE A 124 -11.84 -2.85 15.41
C ILE A 124 -13.15 -3.62 15.29
N ASP A 125 -14.27 -2.92 15.41
CA ASP A 125 -15.58 -3.56 15.37
CA ASP A 125 -15.57 -3.55 15.36
C ASP A 125 -15.84 -4.16 14.00
N TRP A 126 -15.44 -3.46 12.94
CA TRP A 126 -15.57 -3.97 11.58
C TRP A 126 -14.82 -5.30 11.45
N ALA A 127 -13.56 -5.35 11.86
CA ALA A 127 -12.77 -6.56 11.75
C ALA A 127 -13.37 -7.66 12.59
N ALA A 128 -13.91 -7.34 13.76
CA ALA A 128 -14.59 -8.32 14.62
C ALA A 128 -15.77 -8.93 13.92
N THR A 129 -16.57 -8.21 13.17
N THR A 129 -16.55 -8.13 13.23
CA THR A 129 -17.79 -8.73 12.59
CA THR A 129 -17.77 -8.57 12.58
C THR A 129 -17.62 -9.22 11.18
C THR A 129 -17.48 -9.24 11.28
N GLU A 130 -16.96 -8.48 10.33
CA GLU A 130 -16.75 -8.88 8.95
CA GLU A 130 -16.86 -8.97 8.94
C GLU A 130 -15.76 -10.02 8.81
N LEU A 131 -14.63 -9.93 9.53
CA LEU A 131 -13.56 -10.87 9.47
C LEU A 131 -13.55 -11.87 10.58
N ARG A 132 -14.48 -11.76 11.54
CA ARG A 132 -14.53 -12.62 12.73
CA ARG A 132 -14.51 -12.61 12.72
C ARG A 132 -13.17 -12.57 13.42
N ALA A 133 -12.54 -11.39 13.46
CA ALA A 133 -11.20 -11.19 13.98
C ALA A 133 -11.16 -10.05 14.99
N PRO A 134 -11.76 -10.28 16.17
CA PRO A 134 -11.78 -9.24 17.23
C PRO A 134 -10.41 -9.09 17.85
N LEU A 135 -9.80 -7.90 17.65
CA LEU A 135 -8.53 -7.63 18.31
C LEU A 135 -8.77 -7.06 19.70
N ARG A 136 -7.82 -7.41 20.56
CA ARG A 136 -7.73 -6.81 21.88
C ARG A 136 -6.94 -5.52 21.78
N ILE A 137 -7.36 -4.54 22.58
CA ILE A 137 -6.63 -3.26 22.68
C ILE A 137 -5.99 -3.12 24.05
N THR A 138 -5.03 -2.24 24.12
CA THR A 138 -4.40 -1.90 25.39
C THR A 138 -3.98 -0.46 25.34
N HIS A 139 -3.46 0.05 26.45
N HIS A 139 -3.59 0.13 26.47
CA HIS A 139 -3.13 1.41 26.77
CA HIS A 139 -3.12 1.50 26.44
C HIS A 139 -1.69 1.46 27.30
C HIS A 139 -1.81 1.58 27.23
N GLY A 140 -0.97 2.44 26.70
CA GLY A 140 0.39 2.60 27.21
C GLY A 140 1.20 1.34 27.17
N VAL A 141 1.98 1.12 28.23
CA VAL A 141 2.95 0.02 28.27
C VAL A 141 2.30 -1.27 28.75
N ILE A 142 1.01 -1.31 29.07
CA ILE A 142 0.42 -2.59 29.59
C ILE A 142 0.37 -3.59 28.45
N PRO A 143 1.02 -4.73 28.51
CA PRO A 143 0.95 -5.69 27.41
C PRO A 143 -0.37 -6.43 27.34
N VAL A 144 -0.79 -6.77 26.11
CA VAL A 144 -1.92 -7.70 25.96
CA VAL A 144 -1.93 -7.65 25.92
C VAL A 144 -1.63 -8.55 24.73
N PRO A 145 -1.70 -9.85 24.85
CA PRO A 145 -1.50 -10.73 23.68
C PRO A 145 -2.83 -10.84 22.92
N GLN A 146 -2.77 -11.15 21.64
CA GLN A 146 -3.96 -11.45 20.87
C GLN A 146 -4.36 -12.92 21.04
N ASP A 147 -5.63 -13.19 20.86
CA ASP A 147 -6.15 -14.56 20.85
C ASP A 147 -5.46 -15.31 19.71
N PRO A 148 -4.85 -16.49 19.93
CA PRO A 148 -4.26 -17.26 18.84
C PRO A 148 -5.19 -17.54 17.69
N VAL A 149 -6.50 -17.71 17.97
CA VAL A 149 -7.45 -17.96 16.92
C VAL A 149 -7.66 -16.72 16.04
N VAL A 150 -7.63 -15.54 16.65
CA VAL A 150 -7.75 -14.29 15.87
C VAL A 150 -6.52 -14.11 14.99
N LEU A 151 -5.32 -14.41 15.54
CA LEU A 151 -4.09 -14.33 14.73
C LEU A 151 -4.17 -15.28 13.54
N LEU A 152 -4.69 -16.50 13.76
N LEU A 152 -4.73 -16.46 13.81
CA LEU A 152 -4.93 -17.46 12.69
CA LEU A 152 -4.92 -17.45 12.76
C LEU A 152 -5.85 -16.84 11.62
C LEU A 152 -5.90 -16.99 11.69
N LYS A 153 -6.99 -16.32 12.06
CA LYS A 153 -7.96 -15.79 11.09
C LYS A 153 -7.34 -14.72 10.24
N LEU A 154 -6.53 -13.86 10.84
CA LEU A 154 -5.92 -12.75 10.10
C LEU A 154 -4.84 -13.27 9.15
N ARG A 155 -4.06 -14.26 9.56
CA ARG A 155 -3.13 -14.96 8.67
CA ARG A 155 -3.13 -14.86 8.62
C ARG A 155 -3.86 -15.52 7.46
N ALA A 156 -4.99 -16.20 7.72
CA ALA A 156 -5.71 -16.85 6.64
C ALA A 156 -6.28 -15.82 5.68
N GLU A 157 -6.76 -14.71 6.17
CA GLU A 157 -7.30 -13.66 5.32
C GLU A 157 -6.24 -13.18 4.36
N VAL A 158 -5.04 -12.89 4.85
CA VAL A 158 -3.95 -12.40 3.99
C VAL A 158 -3.52 -13.47 2.99
N ALA A 159 -3.40 -14.70 3.45
CA ALA A 159 -2.92 -15.81 2.58
C ALA A 159 -3.91 -16.15 1.52
N SER A 160 -5.16 -15.71 1.62
CA SER A 160 -6.17 -15.97 0.62
C SER A 160 -6.05 -15.06 -0.60
N LEU A 161 -5.20 -14.05 -0.55
CA LEU A 161 -5.07 -13.08 -1.65
C LEU A 161 -4.29 -13.69 -2.79
N ASP A 162 -4.54 -13.15 -3.97
N ASP A 162 -4.52 -13.14 -3.97
CA ASP A 162 -3.71 -13.46 -5.11
CA ASP A 162 -3.74 -13.34 -5.17
C ASP A 162 -2.41 -12.64 -5.01
C ASP A 162 -2.42 -12.57 -5.07
N PRO A 163 -1.37 -12.99 -5.79
CA PRO A 163 -0.08 -12.32 -5.61
C PRO A 163 -0.05 -10.83 -5.90
N PHE A 164 -0.77 -10.35 -6.94
CA PHE A 164 -0.79 -8.94 -7.19
C PHE A 164 -1.62 -8.22 -6.12
N GLY A 165 -2.64 -8.85 -5.60
CA GLY A 165 -3.40 -8.28 -4.51
C GLY A 165 -2.58 -8.17 -3.23
N LEU A 166 -1.77 -9.19 -2.94
CA LEU A 166 -0.88 -9.13 -1.79
C LEU A 166 0.12 -7.99 -1.92
N THR A 167 0.61 -7.80 -3.16
CA THR A 167 1.54 -6.70 -3.46
C THR A 167 0.87 -5.36 -3.12
N ALA A 168 -0.36 -5.18 -3.57
CA ALA A 168 -1.10 -3.95 -3.27
C ALA A 168 -1.30 -3.76 -1.75
N LEU A 169 -1.66 -4.85 -1.05
CA LEU A 169 -1.88 -4.77 0.40
C LEU A 169 -0.65 -4.27 1.12
N HIS A 170 0.52 -4.70 0.66
CA HIS A 170 1.75 -4.51 1.41
C HIS A 170 1.88 -3.12 2.03
N ASP A 171 1.94 -2.08 1.21
CA ASP A 171 2.19 -0.74 1.76
C ASP A 171 1.00 -0.19 2.52
N LEU A 172 -0.22 -0.65 2.19
CA LEU A 172 -1.41 -0.28 2.95
C LEU A 172 -1.36 -0.78 4.38
N VAL A 173 -0.54 -1.81 4.65
CA VAL A 173 -0.29 -2.31 5.98
C VAL A 173 0.95 -1.66 6.59
N THR A 174 2.08 -1.72 5.86
CA THR A 174 3.36 -1.36 6.47
C THR A 174 3.52 0.11 6.69
N LEU A 175 2.99 0.96 5.82
N LEU A 175 2.98 0.99 5.82
CA LEU A 175 3.23 2.39 6.00
CA LEU A 175 3.11 2.43 5.98
C LEU A 175 2.45 2.90 7.20
C LEU A 175 2.45 2.85 7.30
N PRO A 176 1.13 2.64 7.40
CA PRO A 176 0.50 3.04 8.63
C PRO A 176 0.81 2.15 9.81
N GLY A 177 1.30 0.94 9.55
CA GLY A 177 1.57 -0.02 10.61
C GLY A 177 0.35 -0.74 11.15
N SER A 178 -0.60 -1.05 10.30
CA SER A 178 -1.85 -1.66 10.71
C SER A 178 -2.34 -2.64 9.66
N LEU A 179 -2.47 -3.92 10.07
CA LEU A 179 -3.17 -4.86 9.18
C LEU A 179 -4.63 -4.50 9.05
N ILE A 180 -5.28 -4.09 10.13
CA ILE A 180 -6.70 -3.77 10.03
C ILE A 180 -6.96 -2.63 9.04
N LEU A 181 -6.16 -1.56 9.09
CA LEU A 181 -6.37 -0.50 8.12
C LEU A 181 -6.11 -0.96 6.71
N GLY A 182 -5.09 -1.79 6.48
CA GLY A 182 -4.85 -2.27 5.14
C GLY A 182 -5.98 -3.16 4.61
N LEU A 183 -6.43 -4.09 5.46
CA LEU A 183 -7.55 -4.94 5.06
C LEU A 183 -8.82 -4.12 4.83
N ALA A 184 -9.05 -3.08 5.66
CA ALA A 184 -10.24 -2.26 5.48
C ALA A 184 -10.22 -1.55 4.15
N VAL A 185 -9.06 -1.17 3.64
CA VAL A 185 -8.99 -0.54 2.31
C VAL A 185 -9.31 -1.60 1.25
N ILE A 186 -8.61 -2.74 1.25
CA ILE A 186 -8.80 -3.68 0.14
C ILE A 186 -10.19 -4.32 0.19
N ARG A 187 -10.82 -4.40 1.37
CA ARG A 187 -12.17 -4.97 1.54
C ARG A 187 -13.26 -3.92 1.41
N GLY A 188 -12.93 -2.67 1.14
CA GLY A 188 -13.92 -1.66 0.84
C GLY A 188 -14.61 -1.00 2.00
N ARG A 189 -14.10 -1.17 3.19
CA ARG A 189 -14.67 -0.53 4.38
C ARG A 189 -14.28 0.95 4.48
N ILE A 190 -13.06 1.28 4.09
CA ILE A 190 -12.57 2.66 4.03
C ILE A 190 -11.73 2.81 2.76
N ASP A 191 -11.48 4.04 2.35
CA ASP A 191 -10.53 4.30 1.27
C ASP A 191 -9.16 4.66 1.87
N ALA A 192 -8.17 4.76 0.97
CA ALA A 192 -6.80 5.02 1.43
C ALA A 192 -6.68 6.38 2.09
N PRO A 193 -7.28 7.47 1.62
CA PRO A 193 -7.18 8.75 2.36
C PRO A 193 -7.71 8.65 3.77
N THR A 194 -8.82 7.89 3.97
CA THR A 194 -9.35 7.70 5.30
C THR A 194 -8.42 6.87 6.18
N ALA A 195 -7.87 5.78 5.63
CA ALA A 195 -6.91 5.00 6.37
C ALA A 195 -5.70 5.85 6.82
N HIS A 196 -5.22 6.68 5.88
CA HIS A 196 -4.09 7.57 6.20
C HIS A 196 -4.42 8.52 7.35
N ALA A 197 -5.58 9.18 7.26
CA ALA A 197 -5.99 10.08 8.33
C ALA A 197 -6.11 9.34 9.66
N LEU A 198 -6.74 8.18 9.66
CA LEU A 198 -6.90 7.42 10.91
C LEU A 198 -5.54 7.07 11.51
N SER A 199 -4.57 6.77 10.64
CA SER A 199 -3.28 6.34 11.11
C SER A 199 -2.51 7.46 11.82
N ARG A 200 -2.89 8.71 11.55
CA ARG A 200 -2.20 9.91 12.04
C ARG A 200 -2.82 10.52 13.27
N ILE A 201 -3.74 9.87 13.96
CA ILE A 201 -4.42 10.54 15.07
C ILE A 201 -3.45 11.05 16.10
N ASP A 202 -2.44 10.26 16.45
N ASP A 202 -2.40 10.32 16.51
CA ASP A 202 -1.54 10.76 17.50
CA ASP A 202 -1.44 10.81 17.51
C ASP A 202 -0.73 11.96 16.99
C ASP A 202 -0.66 12.04 17.04
N GLU A 203 -0.13 11.92 15.82
CA GLU A 203 0.59 13.00 15.15
CA GLU A 203 0.65 13.06 15.31
C GLU A 203 -0.23 14.29 15.14
N GLU A 204 -1.46 14.13 14.69
CA GLU A 204 -2.41 15.22 14.53
CA GLU A 204 -2.28 15.33 14.54
C GLU A 204 -2.68 15.88 15.88
N PHE A 205 -2.93 15.05 16.90
CA PHE A 205 -3.18 15.55 18.24
C PHE A 205 -2.00 16.39 18.72
N GLN A 206 -0.79 15.87 18.54
CA GLN A 206 0.41 16.60 18.97
CA GLN A 206 0.40 16.61 18.98
C GLN A 206 0.59 17.88 18.20
N ALA A 207 0.33 17.87 16.91
CA ALA A 207 0.46 19.07 16.10
C ALA A 207 -0.55 20.14 16.47
N GLU A 208 -1.77 19.74 16.83
CA GLU A 208 -2.74 20.75 17.24
CA GLU A 208 -2.77 20.70 17.27
C GLU A 208 -2.29 21.37 18.54
N ARG A 209 -1.67 20.62 19.43
CA ARG A 209 -1.21 21.18 20.73
C ARG A 209 0.04 22.03 20.58
N TRP A 210 1.03 21.53 19.86
CA TRP A 210 2.38 22.08 19.90
C TRP A 210 2.86 22.66 18.59
N GLY A 211 2.04 22.64 17.57
CA GLY A 211 2.33 23.19 16.26
C GLY A 211 2.78 22.09 15.30
N ARG A 212 2.51 22.35 14.03
N ARG A 212 2.61 22.42 14.01
CA ARG A 212 2.85 21.41 12.99
CA ARG A 212 3.08 21.58 12.93
C ARG A 212 4.37 21.36 12.78
C ARG A 212 4.45 22.00 12.44
N ASP A 213 4.88 20.18 12.45
N ASP A 213 5.33 21.02 12.35
CA ASP A 213 6.28 20.00 12.06
CA ASP A 213 6.65 21.08 11.74
C ASP A 213 6.25 19.79 10.55
C ASP A 213 6.49 21.41 10.24
N GLU A 214 6.83 20.73 9.80
N GLU A 214 7.26 22.35 9.72
CA GLU A 214 6.74 20.60 8.35
CA GLU A 214 7.37 22.75 8.34
C GLU A 214 7.41 19.35 7.83
C GLU A 214 7.62 21.56 7.40
N GLU A 215 8.46 18.89 8.48
N GLU A 215 8.23 20.46 7.79
CA GLU A 215 9.09 17.65 7.99
CA GLU A 215 8.50 19.28 6.97
C GLU A 215 8.12 16.49 8.12
C GLU A 215 7.34 18.31 6.94
N ALA A 216 7.47 16.39 9.27
N ALA A 216 6.39 18.50 7.86
CA ALA A 216 6.51 15.31 9.46
CA ALA A 216 5.30 17.53 7.96
C ALA A 216 5.36 15.43 8.48
C ALA A 216 4.43 17.48 6.72
N GLU A 217 4.91 16.68 8.21
N GLU A 217 4.16 18.60 6.04
CA GLU A 217 3.81 16.83 7.28
CA GLU A 217 3.20 18.65 4.94
C GLU A 217 4.20 16.44 5.87
C GLU A 217 3.67 17.81 3.77
N ALA A 218 5.43 16.74 5.47
N ALA A 218 4.91 17.95 3.36
CA ALA A 218 5.91 16.32 4.16
CA ALA A 218 5.47 17.28 2.20
C ALA A 218 5.92 14.80 4.07
C ALA A 218 5.47 15.76 2.45
N GLN A 219 6.36 14.13 5.11
N GLN A 219 5.76 15.39 3.70
CA GLN A 219 6.40 12.66 5.10
CA GLN A 219 5.79 13.98 4.11
C GLN A 219 5.02 12.09 5.00
C GLN A 219 4.40 13.35 4.03
N ALA A 220 4.07 12.66 5.75
N ALA A 220 3.44 14.06 4.63
CA ALA A 220 2.70 12.16 5.71
CA ALA A 220 2.05 13.55 4.63
C ALA A 220 2.08 12.32 4.34
C ALA A 220 1.55 13.39 3.20
N ALA A 221 2.31 13.44 3.67
N ALA A 221 1.81 14.36 2.32
CA ALA A 221 1.77 13.64 2.33
CA ALA A 221 1.43 14.33 0.91
C ALA A 221 2.36 12.67 1.33
C ALA A 221 2.03 13.15 0.17
N SER A 222 3.65 12.37 1.45
N SER A 222 3.31 12.88 0.44
CA SER A 222 4.27 11.38 0.57
CA SER A 222 4.02 11.77 -0.16
C SER A 222 3.73 9.99 0.85
C SER A 222 3.41 10.43 0.21
N ARG A 223 3.59 9.63 2.13
N ARG A 223 3.19 10.22 1.51
CA ARG A 223 2.88 8.39 2.52
CA ARG A 223 2.79 8.93 2.04
C ARG A 223 1.42 8.41 2.01
C ARG A 223 1.40 8.44 1.66
N LEU A 224 0.63 9.47 1.91
CA LEU A 224 -0.73 9.40 1.32
C LEU A 224 -0.71 9.03 -0.12
N ALA A 225 0.18 9.66 -0.92
CA ALA A 225 0.22 9.35 -2.34
C ALA A 225 0.64 7.91 -2.57
N ALA A 226 1.58 7.42 -1.76
CA ALA A 226 1.99 6.03 -1.85
C ALA A 226 0.81 5.09 -1.57
N MET A 227 0.02 5.41 -0.56
CA MET A 227 -1.14 4.57 -0.21
CA MET A 227 -1.21 4.75 -0.17
C MET A 227 -2.18 4.65 -1.33
N ARG A 228 -2.39 5.82 -1.95
CA ARG A 228 -3.32 5.85 -3.07
CA ARG A 228 -3.27 5.92 -3.10
C ARG A 228 -2.78 5.05 -4.25
N ASP A 229 -1.47 5.00 -4.45
CA ASP A 229 -0.91 4.15 -5.53
C ASP A 229 -1.17 2.68 -5.24
N SER A 230 -1.02 2.24 -3.98
CA SER A 230 -1.31 0.85 -3.67
C SER A 230 -2.77 0.50 -3.82
N GLU A 231 -3.66 1.41 -3.40
CA GLU A 231 -5.09 1.23 -3.57
C GLU A 231 -5.46 1.12 -5.04
N ARG A 232 -4.87 1.99 -5.87
CA ARG A 232 -5.12 1.91 -7.34
C ARG A 232 -4.71 0.56 -7.89
N PHE A 233 -3.53 0.06 -7.47
CA PHE A 233 -3.05 -1.22 -7.94
C PHE A 233 -4.00 -2.33 -7.50
N TRP A 234 -4.53 -2.27 -6.28
CA TRP A 234 -5.53 -3.22 -5.81
C TRP A 234 -6.72 -3.25 -6.78
N HIS A 235 -7.32 -2.09 -7.03
CA HIS A 235 -8.52 -2.07 -7.85
C HIS A 235 -8.27 -2.55 -9.26
N LEU A 236 -7.14 -2.15 -9.85
CA LEU A 236 -6.85 -2.53 -11.23
C LEU A 236 -6.59 -4.01 -11.40
N THR A 237 -6.21 -4.71 -10.33
CA THR A 237 -5.86 -6.13 -10.39
C THR A 237 -7.02 -7.04 -10.03
N ARG A 238 -8.22 -6.50 -9.81
CA ARG A 238 -9.37 -7.36 -9.54
C ARG A 238 -9.92 -7.91 -10.86
C TRS B . -11.68 1.69 24.50
C1 TRS B . -10.55 2.75 24.29
C2 TRS B . -11.83 1.60 26.03
C3 TRS B . -11.40 0.27 23.99
N TRS B . -12.90 2.10 23.69
O1 TRS B . -9.92 3.19 25.55
O2 TRS B . -10.61 1.93 26.78
O3 TRS B . -12.61 -0.53 23.72
#